data_5U4O
#
_entry.id   5U4O
#
_cell.length_a   101.700
_cell.length_b   101.700
_cell.length_c   220.420
_cell.angle_alpha   90.00
_cell.angle_beta   90.00
_cell.angle_gamma   120.00
#
_symmetry.space_group_name_H-M   'P 62 2 2'
#
loop_
_entity.id
_entity.type
_entity.pdbx_description
1 polymer 'ABC transporter substrate-binding protein'
2 water water
#
_entity_poly.entity_id   1
_entity_poly.type   'polypeptide(L)'
_entity_poly.pdbx_seq_one_letter_code
;(MSE)RFKRGLVSCFIAILCLSVFLAGCSSNAKTGNEGSGSKGTKEGGVLTIARLSDADNLDPHFITNIPSASVVYHKVY
ENLVQRDKN(MSE)DFKP(MSE)LAKEWKQIDDLNWEFKLQQGVTFQDGAPFNAEAVKKNFERVLDPKVGSNRATVYS
(MSE)IQEIKVIDEYTVQFILKYPYSPLLSIFASNEGSILSPKAIDEKGKGLAQHPVGTGPYTFKSWKPGEEIRLEKNKN
YWGEKAKVDEVVFKVVPEDATRIG(MSE)IETSEAHIAENLPVTEVERVKNSPS(MSE)ELIENEGLGVEYIGFNVEKKP
FDNPLVRQAIAHAIETKGILKGVYNNVGTEINSV(MSE)TPKVFGYTKDVKGYKYDINTAKKLLADAGYPNGFKTTIWTN
DSKVR(MSE)ALVEVIQSQLKGIGVDVEIKV(MSE)EYGAFLAATNKSEHA(MSE)FVGGWGNATGDGDYNQYNLFHSSS
HGATGNQFFYSNPEVDKLIEEARKEKDETKRKELYKQLQEIELKDALLVPIRGINHIAATTKNIKGFWIDPSGYLRLEGV
ELQ
;
_entity_poly.pdbx_strand_id   A
#
# COMPACT_ATOMS: atom_id res chain seq x y z
N GLU A 42 6.69 -30.70 -9.40
CA GLU A 42 7.32 -29.88 -8.36
C GLU A 42 8.78 -29.55 -8.80
N GLY A 43 8.91 -28.47 -9.58
CA GLY A 43 10.19 -27.99 -10.10
C GLY A 43 10.07 -26.99 -11.22
N GLY A 44 11.23 -26.58 -11.74
CA GLY A 44 11.35 -25.62 -12.82
C GLY A 44 11.78 -24.24 -12.38
N VAL A 45 12.06 -23.39 -13.35
CA VAL A 45 12.50 -22.01 -13.17
C VAL A 45 11.32 -21.10 -13.48
N LEU A 46 10.84 -20.37 -12.48
CA LEU A 46 9.75 -19.42 -12.65
C LEU A 46 10.33 -18.05 -13.03
N THR A 47 9.96 -17.50 -14.21
CA THR A 47 10.49 -16.21 -14.65
C THR A 47 9.42 -15.13 -14.54
N ILE A 48 9.79 -14.07 -13.83
CA ILE A 48 8.98 -12.89 -13.61
C ILE A 48 9.62 -11.71 -14.34
N ALA A 49 8.98 -11.27 -15.40
CA ALA A 49 9.46 -10.13 -16.17
C ALA A 49 8.85 -8.86 -15.59
N ARG A 50 9.69 -7.87 -15.27
CA ARG A 50 9.20 -6.63 -14.68
C ARG A 50 9.89 -5.39 -15.24
N LEU A 51 9.29 -4.22 -14.97
CA LEU A 51 9.76 -2.93 -15.46
C LEU A 51 11.14 -2.58 -14.91
N SER A 52 11.34 -2.71 -13.61
CA SER A 52 12.61 -2.29 -13.05
C SER A 52 13.19 -3.28 -12.09
N ASP A 53 14.47 -3.10 -11.82
CA ASP A 53 15.17 -3.87 -10.83
C ASP A 53 14.82 -3.37 -9.42
N ALA A 54 15.24 -4.09 -8.39
CA ALA A 54 15.20 -3.61 -7.01
C ALA A 54 16.35 -2.61 -6.87
N ASP A 55 16.27 -1.68 -5.93
CA ASP A 55 17.43 -0.79 -5.74
C ASP A 55 18.15 -1.15 -4.42
N ASN A 56 17.47 -1.95 -3.58
CA ASN A 56 17.98 -2.38 -2.28
C ASN A 56 17.17 -3.58 -1.80
N LEU A 57 17.82 -4.57 -1.14
CA LEU A 57 17.09 -5.74 -0.63
C LEU A 57 17.07 -5.76 0.92
N ASP A 58 17.43 -4.64 1.56
CA ASP A 58 17.41 -4.51 3.03
C ASP A 58 15.99 -4.07 3.40
N PRO A 59 15.15 -4.91 4.01
CA PRO A 59 13.76 -4.51 4.30
C PRO A 59 13.61 -3.37 5.30
N HIS A 60 14.66 -3.06 6.09
CA HIS A 60 14.56 -1.94 7.02
C HIS A 60 14.77 -0.59 6.28
N PHE A 61 15.23 -0.62 5.01
CA PHE A 61 15.49 0.59 4.22
C PHE A 61 14.75 0.59 2.86
N ILE A 62 14.02 -0.49 2.52
CA ILE A 62 13.27 -0.59 1.26
C ILE A 62 12.15 0.47 1.27
N THR A 63 12.06 1.25 0.20
CA THR A 63 11.09 2.35 0.06
C THR A 63 10.11 2.14 -1.11
N ASN A 64 10.16 0.99 -1.79
CA ASN A 64 9.33 0.77 -2.98
C ASN A 64 8.89 -0.70 -3.18
N ILE A 65 7.79 -0.85 -3.92
CA ILE A 65 7.14 -2.11 -4.27
C ILE A 65 8.10 -3.05 -5.03
N PRO A 66 8.77 -2.67 -6.16
CA PRO A 66 9.62 -3.65 -6.88
C PRO A 66 10.66 -4.31 -5.97
N SER A 67 11.24 -3.55 -5.00
CA SER A 67 12.26 -4.10 -4.10
C SER A 67 11.63 -5.04 -3.08
N ALA A 68 10.55 -4.58 -2.42
CA ALA A 68 9.86 -5.37 -1.40
C ALA A 68 9.31 -6.69 -1.93
N SER A 69 8.72 -6.70 -3.15
N SER A 69 8.69 -6.71 -3.13
CA SER A 69 8.17 -7.92 -3.76
CA SER A 69 8.12 -7.94 -3.70
C SER A 69 9.19 -9.02 -3.92
C SER A 69 9.18 -9.02 -3.96
N VAL A 70 10.47 -8.67 -4.10
CA VAL A 70 11.54 -9.66 -4.28
C VAL A 70 11.74 -10.49 -3.00
N VAL A 71 11.72 -9.85 -1.81
CA VAL A 71 12.03 -10.57 -0.56
C VAL A 71 10.80 -10.92 0.29
N TYR A 72 9.70 -10.16 0.19
CA TYR A 72 8.52 -10.34 1.04
C TYR A 72 7.92 -11.74 0.94
N HIS A 73 7.91 -12.46 2.09
CA HIS A 73 7.43 -13.84 2.26
C HIS A 73 8.20 -14.82 1.37
N LYS A 74 9.36 -14.37 0.80
CA LYS A 74 10.19 -15.23 -0.09
C LYS A 74 11.50 -15.49 0.59
N VAL A 75 12.38 -14.49 0.67
CA VAL A 75 13.62 -14.65 1.43
C VAL A 75 13.28 -14.43 2.91
N TYR A 76 12.48 -13.40 3.19
CA TYR A 76 12.13 -13.04 4.57
C TYR A 76 10.74 -13.43 4.93
N GLU A 77 10.48 -13.48 6.24
CA GLU A 77 9.18 -13.77 6.80
C GLU A 77 8.96 -12.86 8.00
N ASN A 78 7.75 -12.87 8.52
CA ASN A 78 7.30 -11.97 9.58
C ASN A 78 6.75 -12.73 10.78
N LEU A 79 6.58 -12.03 11.93
CA LEU A 79 5.97 -12.65 13.12
C LEU A 79 4.54 -13.04 12.81
N VAL A 80 3.83 -12.20 12.04
CA VAL A 80 2.44 -12.44 11.71
C VAL A 80 2.20 -12.11 10.25
N GLN A 81 1.03 -12.50 9.73
CA GLN A 81 0.65 -12.22 8.36
C GLN A 81 -0.86 -12.05 8.30
N ARG A 82 -1.37 -11.43 7.24
N ARG A 82 -1.37 -11.41 7.24
CA ARG A 82 -2.81 -11.27 7.06
CA ARG A 82 -2.81 -11.21 7.04
C ARG A 82 -3.36 -12.36 6.15
C ARG A 82 -3.37 -12.31 6.14
N ASP A 83 -4.55 -12.88 6.46
CA ASP A 83 -5.18 -13.88 5.60
C ASP A 83 -6.05 -13.18 4.52
N LYS A 84 -6.88 -13.96 3.77
CA LYS A 84 -7.77 -13.46 2.71
C LYS A 84 -8.77 -12.44 3.24
N ASN A 85 -9.22 -12.60 4.49
CA ASN A 85 -10.17 -11.70 5.13
C ASN A 85 -9.47 -10.53 5.86
N ASP A 87 -7.39 -10.78 8.30
CA ASP A 87 -7.24 -11.12 9.71
C ASP A 87 -5.81 -11.52 10.00
N PHE A 88 -5.25 -11.14 11.17
CA PHE A 88 -3.89 -11.53 11.51
C PHE A 88 -3.85 -12.98 11.88
N LYS A 89 -2.93 -13.70 11.24
CA LYS A 89 -2.72 -15.14 11.40
C LYS A 89 -1.25 -15.44 11.75
N PRO A 90 -0.98 -16.61 12.35
CA PRO A 90 0.42 -16.94 12.68
C PRO A 90 1.34 -17.06 11.49
N LEU A 92 5.95 -16.51 11.84
CA LEU A 92 7.10 -16.84 12.71
C LEU A 92 6.71 -16.83 14.20
N ALA A 93 5.60 -16.12 14.54
CA ALA A 93 4.98 -16.18 15.86
C ALA A 93 3.77 -17.10 15.76
N LYS A 94 3.72 -18.09 16.64
CA LYS A 94 2.67 -19.10 16.79
C LYS A 94 1.43 -18.50 17.45
N GLU A 95 1.65 -17.65 18.46
CA GLU A 95 0.61 -16.98 19.24
C GLU A 95 1.10 -15.63 19.69
N TRP A 96 0.17 -14.77 20.09
CA TRP A 96 0.48 -13.45 20.60
C TRP A 96 -0.62 -12.94 21.49
N LYS A 97 -0.27 -12.00 22.38
CA LYS A 97 -1.26 -11.37 23.23
C LYS A 97 -0.80 -9.98 23.62
N GLN A 98 -1.77 -9.09 23.77
CA GLN A 98 -1.52 -7.76 24.26
C GLN A 98 -1.83 -7.78 25.74
N ILE A 99 -0.79 -7.60 26.56
CA ILE A 99 -0.86 -7.53 28.04
C ILE A 99 -1.00 -6.04 28.39
N ASP A 100 -1.99 -5.66 29.20
CA ASP A 100 -2.25 -4.26 29.54
C ASP A 100 -2.33 -3.43 28.20
N ASP A 101 -1.75 -2.19 28.13
CA ASP A 101 -1.75 -1.41 26.88
C ASP A 101 -0.42 -1.41 26.16
N LEU A 102 0.68 -1.48 26.92
CA LEU A 102 2.03 -1.27 26.42
C LEU A 102 2.89 -2.49 26.24
N ASN A 103 2.35 -3.66 26.53
N ASN A 103 2.37 -3.66 26.57
CA ASN A 103 3.12 -4.91 26.54
CA ASN A 103 3.13 -4.90 26.49
C ASN A 103 2.55 -5.92 25.53
C ASN A 103 2.52 -5.82 25.45
N TRP A 104 3.32 -6.24 24.47
CA TRP A 104 2.90 -7.20 23.44
C TRP A 104 3.80 -8.44 23.51
N GLU A 105 3.22 -9.60 23.83
CA GLU A 105 4.01 -10.83 23.94
C GLU A 105 3.76 -11.77 22.75
N PHE A 106 4.85 -12.35 22.20
CA PHE A 106 4.79 -13.27 21.08
C PHE A 106 5.44 -14.60 21.44
N LYS A 107 4.73 -15.70 21.18
CA LYS A 107 5.22 -17.09 21.34
C LYS A 107 5.70 -17.49 19.97
N LEU A 108 6.96 -17.90 19.85
CA LEU A 108 7.56 -18.16 18.56
C LEU A 108 7.51 -19.60 18.10
N GLN A 109 7.50 -19.76 16.78
CA GLN A 109 7.55 -21.03 16.11
C GLN A 109 8.87 -21.69 16.47
N GLN A 110 8.82 -22.97 16.82
CA GLN A 110 10.01 -23.75 17.13
C GLN A 110 10.37 -24.54 15.89
N GLY A 111 11.61 -24.99 15.82
CA GLY A 111 12.13 -25.75 14.69
C GLY A 111 12.34 -24.93 13.42
N VAL A 112 12.64 -23.62 13.57
CA VAL A 112 12.86 -22.72 12.43
C VAL A 112 14.34 -22.28 12.37
N THR A 113 14.89 -22.31 11.17
CA THR A 113 16.27 -21.94 10.92
C THR A 113 16.37 -20.91 9.79
N PHE A 114 17.32 -19.99 9.92
CA PHE A 114 17.65 -19.03 8.86
C PHE A 114 18.39 -19.78 7.74
N GLN A 115 18.44 -19.20 6.54
CA GLN A 115 19.10 -19.84 5.37
C GLN A 115 20.64 -20.03 5.56
N ASP A 116 21.25 -19.33 6.53
CA ASP A 116 22.70 -19.45 6.81
C ASP A 116 22.95 -20.41 8.02
N GLY A 117 21.89 -21.08 8.47
CA GLY A 117 21.99 -22.02 9.58
C GLY A 117 21.74 -21.42 10.96
N ALA A 118 21.60 -20.10 11.08
CA ALA A 118 21.36 -19.49 12.41
C ALA A 118 19.99 -19.89 12.92
N PRO A 119 19.87 -20.31 14.18
CA PRO A 119 18.51 -20.64 14.67
C PRO A 119 17.60 -19.42 14.77
N PHE A 120 16.31 -19.63 14.54
CA PHE A 120 15.30 -18.59 14.76
C PHE A 120 14.80 -18.76 16.18
N ASN A 121 14.90 -17.69 16.99
CA ASN A 121 14.50 -17.68 18.39
C ASN A 121 14.24 -16.23 18.88
N ALA A 122 13.95 -16.05 20.19
CA ALA A 122 13.61 -14.73 20.76
C ALA A 122 14.75 -13.73 20.59
N GLU A 123 16.00 -14.19 20.78
CA GLU A 123 17.19 -13.37 20.61
C GLU A 123 17.30 -12.85 19.18
N ALA A 124 16.98 -13.70 18.18
CA ALA A 124 17.01 -13.29 16.77
C ALA A 124 15.96 -12.17 16.51
N VAL A 125 14.76 -12.30 17.08
CA VAL A 125 13.70 -11.30 16.93
C VAL A 125 14.16 -9.97 17.57
N LYS A 126 14.71 -10.04 18.79
CA LYS A 126 15.16 -8.86 19.53
C LYS A 126 16.25 -8.12 18.73
N LYS A 127 17.26 -8.86 18.26
CA LYS A 127 18.38 -8.29 17.50
C LYS A 127 17.88 -7.59 16.22
N ASN A 128 16.90 -8.21 15.55
CA ASN A 128 16.29 -7.67 14.33
C ASN A 128 15.59 -6.34 14.62
N PHE A 129 14.73 -6.28 15.65
CA PHE A 129 13.98 -5.06 15.92
C PHE A 129 14.83 -4.01 16.62
N GLU A 130 15.98 -4.38 17.26
CA GLU A 130 16.92 -3.40 17.86
C GLU A 130 17.53 -2.57 16.74
N ARG A 131 17.74 -3.18 15.55
CA ARG A 131 18.31 -2.51 14.39
C ARG A 131 17.43 -1.29 13.95
N VAL A 132 16.12 -1.32 14.30
CA VAL A 132 15.16 -0.25 14.01
C VAL A 132 14.56 0.33 15.34
N LEU A 133 15.39 0.45 16.39
CA LEU A 133 14.97 0.93 17.71
C LEU A 133 15.74 2.17 18.18
N ASP A 134 15.05 3.02 18.97
CA ASP A 134 15.54 4.20 19.69
C ASP A 134 14.69 4.38 20.97
N PRO A 135 15.26 4.14 22.18
CA PRO A 135 14.46 4.26 23.41
C PRO A 135 14.53 5.69 23.98
N LYS A 136 14.01 6.67 23.20
CA LYS A 136 13.93 8.10 23.52
C LYS A 136 15.30 8.69 23.82
N THR A 143 12.26 6.53 12.91
CA THR A 143 11.91 5.22 12.36
C THR A 143 10.42 4.88 12.60
N VAL A 144 9.95 3.77 11.97
CA VAL A 144 8.58 3.25 12.05
C VAL A 144 8.39 2.53 13.42
N TYR A 145 9.49 2.20 14.12
CA TYR A 145 9.45 1.55 15.43
C TYR A 145 9.86 2.52 16.57
N SER A 146 9.55 3.82 16.41
CA SER A 146 9.84 4.85 17.40
C SER A 146 8.95 4.68 18.68
N ILE A 148 8.65 1.65 20.36
CA ILE A 148 9.22 0.63 21.25
C ILE A 148 10.27 1.24 22.20
N GLN A 149 10.08 0.98 23.50
CA GLN A 149 10.94 1.39 24.62
C GLN A 149 12.02 0.32 24.90
N GLU A 150 11.62 -0.96 24.79
CA GLU A 150 12.44 -2.11 25.14
C GLU A 150 11.89 -3.40 24.53
N ILE A 151 12.78 -4.35 24.25
CA ILE A 151 12.40 -5.69 23.78
C ILE A 151 12.90 -6.67 24.83
N LYS A 152 12.01 -7.48 25.42
CA LYS A 152 12.43 -8.45 26.44
C LYS A 152 12.39 -9.88 25.91
N VAL A 153 13.46 -10.63 26.17
CA VAL A 153 13.52 -12.05 25.83
C VAL A 153 13.07 -12.77 27.08
N ILE A 154 11.83 -13.29 27.08
CA ILE A 154 11.26 -13.99 28.25
C ILE A 154 11.92 -15.36 28.36
N ASP A 155 11.96 -16.10 27.25
CA ASP A 155 12.64 -17.38 27.15
C ASP A 155 13.04 -17.55 25.69
N GLU A 156 13.66 -18.68 25.33
CA GLU A 156 14.13 -18.95 23.99
C GLU A 156 13.06 -18.70 22.90
N TYR A 157 11.77 -18.96 23.20
CA TYR A 157 10.73 -18.79 22.20
C TYR A 157 9.65 -17.80 22.64
N THR A 158 9.96 -16.89 23.57
CA THR A 158 8.99 -15.90 24.01
C THR A 158 9.66 -14.53 24.04
N VAL A 159 9.05 -13.60 23.36
CA VAL A 159 9.58 -12.25 23.27
C VAL A 159 8.45 -11.25 23.57
N GLN A 160 8.80 -10.17 24.28
CA GLN A 160 7.88 -9.09 24.65
C GLN A 160 8.36 -7.77 24.11
N PHE A 161 7.44 -6.99 23.51
CA PHE A 161 7.70 -5.63 23.06
C PHE A 161 7.05 -4.70 24.06
N ILE A 162 7.85 -3.80 24.65
CA ILE A 162 7.39 -2.81 25.63
C ILE A 162 7.37 -1.47 24.91
N LEU A 163 6.18 -0.87 24.81
CA LEU A 163 5.98 0.39 24.11
C LEU A 163 6.13 1.60 25.04
N LYS A 164 6.64 2.73 24.49
CA LYS A 164 6.80 4.04 25.15
C LYS A 164 5.44 4.67 25.32
N TYR A 165 4.59 4.46 24.30
CA TYR A 165 3.24 4.98 24.21
C TYR A 165 2.33 3.93 23.55
N PRO A 166 0.99 3.98 23.76
CA PRO A 166 0.13 2.95 23.16
C PRO A 166 0.05 3.05 21.64
N TYR A 167 0.04 1.91 20.97
CA TYR A 167 -0.03 1.88 19.51
C TYR A 167 -0.70 0.58 19.10
N SER A 168 -2.04 0.60 19.02
CA SER A 168 -2.87 -0.53 18.62
C SER A 168 -2.54 -1.05 17.21
N PRO A 169 -2.09 -0.24 16.18
CA PRO A 169 -1.77 -0.85 14.87
C PRO A 169 -0.42 -1.60 14.82
N LEU A 170 0.16 -1.98 15.98
CA LEU A 170 1.46 -2.66 16.02
C LEU A 170 1.57 -3.88 15.08
N LEU A 171 0.54 -4.75 15.04
CA LEU A 171 0.59 -5.95 14.20
C LEU A 171 0.70 -5.64 12.71
N SER A 172 0.04 -4.56 12.26
CA SER A 172 0.07 -4.15 10.87
C SER A 172 1.50 -3.75 10.45
N ILE A 173 2.32 -3.25 11.39
CA ILE A 173 3.73 -2.91 11.15
C ILE A 173 4.56 -4.21 11.06
N PHE A 174 4.30 -5.15 11.98
CA PHE A 174 4.98 -6.46 12.00
C PHE A 174 4.64 -7.29 10.75
N ALA A 175 3.42 -7.13 10.19
CA ALA A 175 3.01 -7.85 8.96
C ALA A 175 3.51 -7.17 7.66
N SER A 176 3.96 -5.90 7.72
CA SER A 176 4.46 -5.20 6.53
C SER A 176 5.90 -5.65 6.22
N ASN A 177 6.44 -5.24 5.06
CA ASN A 177 7.80 -5.63 4.67
C ASN A 177 8.85 -5.23 5.71
N GLU A 178 8.64 -4.11 6.44
CA GLU A 178 9.52 -3.59 7.49
C GLU A 178 9.62 -4.54 8.69
N GLY A 179 8.63 -5.42 8.85
CA GLY A 179 8.61 -6.44 9.88
C GLY A 179 9.40 -7.69 9.48
N SER A 180 10.03 -7.73 8.27
CA SER A 180 10.85 -8.89 7.85
C SER A 180 11.96 -9.19 8.88
N ILE A 181 12.14 -10.47 9.29
CA ILE A 181 13.15 -10.83 10.30
C ILE A 181 14.48 -11.25 9.63
N LEU A 182 15.55 -10.45 9.89
CA LEU A 182 16.90 -10.72 9.36
C LEU A 182 17.63 -11.74 10.16
N SER A 183 18.56 -12.46 9.52
CA SER A 183 19.40 -13.40 10.25
C SER A 183 20.29 -12.63 11.26
N PRO A 184 20.40 -13.10 12.53
CA PRO A 184 21.29 -12.40 13.47
C PRO A 184 22.77 -12.55 13.04
N LYS A 185 23.06 -13.64 12.31
CA LYS A 185 24.38 -13.92 11.77
C LYS A 185 24.75 -12.90 10.67
N ALA A 186 23.78 -12.51 9.81
CA ALA A 186 23.99 -11.50 8.77
C ALA A 186 24.17 -10.12 9.39
N ILE A 187 23.57 -9.88 10.56
CA ILE A 187 23.71 -8.62 11.32
C ILE A 187 25.10 -8.58 12.02
N ASP A 188 25.53 -9.69 12.67
CA ASP A 188 26.77 -9.74 13.45
C ASP A 188 28.02 -10.17 12.68
N GLU A 189 28.02 -11.42 12.17
CA GLU A 189 29.18 -12.02 11.50
C GLU A 189 29.57 -11.28 10.23
N LYS A 190 30.90 -11.17 10.05
CA LYS A 190 31.60 -10.49 8.96
C LYS A 190 31.23 -11.10 7.62
N GLY A 191 30.80 -10.26 6.69
CA GLY A 191 30.39 -10.69 5.36
C GLY A 191 29.58 -9.69 4.57
N LYS A 192 29.08 -10.15 3.41
CA LYS A 192 28.26 -9.42 2.43
C LYS A 192 27.18 -8.57 3.09
N GLY A 193 27.03 -7.34 2.61
CA GLY A 193 26.02 -6.41 3.09
C GLY A 193 24.62 -6.93 2.84
N LEU A 194 23.70 -6.56 3.75
CA LEU A 194 22.30 -6.95 3.74
C LEU A 194 21.54 -6.39 2.55
N ALA A 195 21.98 -5.21 2.06
CA ALA A 195 21.38 -4.51 0.94
C ALA A 195 21.45 -5.31 -0.38
N GLN A 196 22.51 -6.12 -0.53
CA GLN A 196 22.72 -6.90 -1.75
C GLN A 196 22.68 -8.41 -1.54
N HIS A 197 22.61 -8.87 -0.27
CA HIS A 197 22.53 -10.32 0.01
C HIS A 197 21.56 -10.57 1.18
N PRO A 198 20.22 -10.61 0.92
CA PRO A 198 19.28 -10.88 2.02
C PRO A 198 19.36 -12.33 2.55
N VAL A 199 19.14 -12.52 3.86
CA VAL A 199 19.18 -13.84 4.54
C VAL A 199 18.04 -13.90 5.58
N GLY A 200 17.04 -14.74 5.33
CA GLY A 200 15.90 -14.86 6.22
C GLY A 200 15.56 -16.31 6.46
N THR A 201 14.32 -16.58 6.87
CA THR A 201 13.81 -17.93 7.17
C THR A 201 12.92 -18.45 6.03
N GLY A 202 12.67 -17.60 5.03
CA GLY A 202 11.73 -17.86 3.94
C GLY A 202 11.92 -19.08 3.03
N PRO A 203 10.88 -19.40 2.21
CA PRO A 203 10.97 -20.59 1.33
C PRO A 203 11.91 -20.42 0.13
N TYR A 204 12.46 -19.22 -0.07
CA TYR A 204 13.44 -18.94 -1.12
C TYR A 204 14.69 -18.34 -0.57
N THR A 205 15.83 -18.89 -0.97
CA THR A 205 17.15 -18.39 -0.63
C THR A 205 17.64 -17.47 -1.76
N PHE A 206 18.34 -16.41 -1.40
CA PHE A 206 18.95 -15.52 -2.37
C PHE A 206 20.08 -16.26 -3.09
N LYS A 207 20.09 -16.21 -4.41
CA LYS A 207 21.12 -16.90 -5.16
C LYS A 207 22.08 -15.89 -5.80
N SER A 208 21.57 -14.89 -6.53
CA SER A 208 22.44 -13.92 -7.21
C SER A 208 21.68 -12.70 -7.66
N TRP A 209 22.44 -11.66 -7.94
CA TRP A 209 21.95 -10.39 -8.41
C TRP A 209 22.91 -9.83 -9.45
N LYS A 210 22.43 -9.68 -10.68
CA LYS A 210 23.08 -9.03 -11.82
C LYS A 210 22.36 -7.70 -11.93
N PRO A 211 22.88 -6.63 -11.29
CA PRO A 211 22.14 -5.35 -11.23
C PRO A 211 21.71 -4.80 -12.59
N GLY A 212 20.42 -4.45 -12.69
CA GLY A 212 19.78 -3.93 -13.90
C GLY A 212 19.37 -5.01 -14.87
N GLU A 213 19.56 -6.28 -14.49
CA GLU A 213 19.30 -7.40 -15.37
C GLU A 213 18.39 -8.45 -14.71
N GLU A 214 18.79 -8.97 -13.53
CA GLU A 214 18.01 -10.00 -12.86
C GLU A 214 18.44 -10.23 -11.45
N ILE A 215 17.48 -10.71 -10.67
CA ILE A 215 17.68 -11.24 -9.33
C ILE A 215 17.22 -12.68 -9.39
N ARG A 216 18.02 -13.62 -8.88
CA ARG A 216 17.63 -15.03 -8.82
C ARG A 216 17.55 -15.48 -7.40
N LEU A 217 16.47 -16.19 -7.08
CA LEU A 217 16.26 -16.86 -5.80
C LEU A 217 16.13 -18.34 -6.09
N GLU A 218 16.51 -19.18 -5.17
CA GLU A 218 16.38 -20.62 -5.36
C GLU A 218 15.60 -21.20 -4.21
N LYS A 219 14.95 -22.33 -4.46
CA LYS A 219 14.16 -23.02 -3.44
C LYS A 219 15.02 -23.28 -2.19
N ASN A 220 14.50 -22.90 -1.02
CA ASN A 220 15.16 -23.19 0.24
C ASN A 220 14.74 -24.63 0.59
N LYS A 221 15.64 -25.60 0.40
CA LYS A 221 15.30 -27.03 0.63
C LYS A 221 15.20 -27.37 2.11
N ASN A 222 15.57 -26.43 2.96
CA ASN A 222 15.48 -26.57 4.40
C ASN A 222 14.37 -25.67 4.98
N TYR A 223 13.39 -25.24 4.14
CA TYR A 223 12.31 -24.37 4.63
C TYR A 223 11.46 -25.10 5.70
N TRP A 224 11.09 -24.38 6.79
CA TRP A 224 10.37 -24.96 7.92
C TRP A 224 8.88 -25.28 7.61
N GLY A 225 8.26 -24.59 6.65
CA GLY A 225 6.84 -24.81 6.31
C GLY A 225 6.68 -25.59 5.03
N GLU A 226 5.65 -25.26 4.23
CA GLU A 226 5.42 -25.91 2.92
C GLU A 226 6.53 -25.48 1.96
N LYS A 227 7.36 -26.41 1.50
CA LYS A 227 8.47 -26.07 0.62
C LYS A 227 7.98 -25.57 -0.75
N ALA A 228 8.76 -24.67 -1.39
CA ALA A 228 8.45 -24.10 -2.71
C ALA A 228 8.29 -25.22 -3.73
N LYS A 229 7.35 -25.06 -4.69
CA LYS A 229 7.10 -26.10 -5.69
C LYS A 229 7.83 -25.79 -7.01
N VAL A 230 8.66 -24.73 -7.00
CA VAL A 230 9.53 -24.39 -8.13
C VAL A 230 10.97 -24.41 -7.59
N ASP A 231 11.93 -24.63 -8.47
CA ASP A 231 13.33 -24.70 -8.08
C ASP A 231 13.99 -23.32 -7.97
N GLU A 232 13.59 -22.41 -8.83
CA GLU A 232 14.21 -21.09 -8.93
C GLU A 232 13.19 -20.08 -9.34
N VAL A 233 13.39 -18.85 -8.87
CA VAL A 233 12.57 -17.71 -9.25
C VAL A 233 13.52 -16.66 -9.81
N VAL A 234 13.22 -16.18 -11.02
CA VAL A 234 14.01 -15.13 -11.66
C VAL A 234 13.16 -13.84 -11.83
N PHE A 235 13.64 -12.73 -11.24
CA PHE A 235 13.04 -11.39 -11.41
C PHE A 235 13.86 -10.73 -12.50
N LYS A 236 13.40 -10.83 -13.74
CA LYS A 236 14.07 -10.36 -14.93
C LYS A 236 13.63 -8.94 -15.27
N VAL A 237 14.59 -8.02 -15.46
CA VAL A 237 14.35 -6.61 -15.82
C VAL A 237 14.13 -6.53 -17.34
N VAL A 238 12.91 -6.17 -17.74
CA VAL A 238 12.49 -6.03 -19.15
C VAL A 238 11.71 -4.68 -19.23
N PRO A 239 12.36 -3.53 -19.51
CA PRO A 239 11.65 -2.24 -19.46
C PRO A 239 10.54 -1.98 -20.50
N GLU A 240 10.55 -2.64 -21.65
CA GLU A 240 9.50 -2.42 -22.64
C GLU A 240 8.27 -3.21 -22.27
N ASP A 241 7.16 -2.50 -21.96
CA ASP A 241 5.89 -3.10 -21.54
C ASP A 241 5.38 -4.14 -22.53
N ALA A 242 5.38 -3.78 -23.83
CA ALA A 242 4.90 -4.66 -24.91
C ALA A 242 5.70 -5.98 -24.92
N THR A 243 7.01 -5.90 -24.75
CA THR A 243 7.90 -7.07 -24.75
C THR A 243 7.63 -7.98 -23.52
N ARG A 244 7.46 -7.41 -22.29
CA ARG A 244 7.16 -8.23 -21.08
C ARG A 244 5.94 -9.10 -21.27
N ILE A 245 4.85 -8.52 -21.80
CA ILE A 245 3.59 -9.26 -22.04
C ILE A 245 3.78 -10.35 -23.13
N GLY A 246 4.44 -9.97 -24.25
CA GLY A 246 4.66 -10.91 -25.35
C GLY A 246 5.49 -12.09 -24.93
N ILE A 248 5.16 -13.85 -22.37
CA ILE A 248 4.34 -14.92 -21.81
C ILE A 248 3.94 -15.88 -22.93
N GLU A 249 3.60 -15.34 -24.12
CA GLU A 249 3.23 -16.19 -25.24
C GLU A 249 4.41 -16.99 -25.84
N THR A 250 5.68 -16.52 -25.70
CA THR A 250 6.84 -17.29 -26.21
C THR A 250 7.38 -18.24 -25.15
N SER A 251 6.85 -18.18 -23.91
CA SER A 251 7.31 -18.98 -22.76
C SER A 251 8.67 -18.49 -22.24
N GLU A 252 9.08 -17.24 -22.54
CA GLU A 252 10.31 -16.68 -22.00
C GLU A 252 10.06 -16.15 -20.58
N ALA A 253 8.79 -15.88 -20.25
CA ALA A 253 8.39 -15.43 -18.91
C ALA A 253 7.06 -16.06 -18.55
N HIS A 254 6.80 -16.23 -17.26
CA HIS A 254 5.56 -16.82 -16.75
C HIS A 254 4.65 -15.77 -16.20
N ILE A 255 5.23 -14.70 -15.66
CA ILE A 255 4.49 -13.56 -15.09
C ILE A 255 5.07 -12.28 -15.66
N ALA A 256 4.19 -11.34 -16.00
CA ALA A 256 4.60 -10.03 -16.46
C ALA A 256 3.94 -9.02 -15.58
N GLU A 257 4.75 -8.27 -14.82
CA GLU A 257 4.35 -7.17 -13.93
C GLU A 257 4.26 -5.85 -14.67
N ASN A 258 3.66 -4.85 -14.00
CA ASN A 258 3.57 -3.44 -14.39
C ASN A 258 2.91 -3.26 -15.74
N LEU A 259 1.65 -3.72 -15.86
CA LEU A 259 0.97 -3.60 -17.15
C LEU A 259 0.35 -2.24 -17.34
N PRO A 260 0.52 -1.61 -18.51
CA PRO A 260 -0.22 -0.36 -18.78
C PRO A 260 -1.69 -0.71 -19.04
N VAL A 261 -2.60 0.21 -18.69
CA VAL A 261 -4.05 -0.03 -18.86
C VAL A 261 -4.41 -0.28 -20.35
N THR A 262 -3.68 0.30 -21.30
CA THR A 262 -3.97 0.10 -22.74
C THR A 262 -3.68 -1.36 -23.19
N GLU A 263 -3.01 -2.18 -22.35
CA GLU A 263 -2.72 -3.58 -22.71
C GLU A 263 -3.69 -4.57 -22.05
N VAL A 264 -4.65 -4.08 -21.23
CA VAL A 264 -5.57 -4.92 -20.46
C VAL A 264 -6.39 -5.86 -21.35
N GLU A 265 -7.06 -5.33 -22.38
CA GLU A 265 -7.85 -6.14 -23.33
C GLU A 265 -6.99 -7.12 -24.14
N ARG A 266 -5.76 -6.72 -24.52
CA ARG A 266 -4.79 -7.56 -25.25
C ARG A 266 -4.42 -8.79 -24.39
N VAL A 267 -4.39 -8.62 -23.06
CA VAL A 267 -4.13 -9.71 -22.11
C VAL A 267 -5.37 -10.61 -22.03
N LYS A 268 -6.55 -10.02 -21.73
CA LYS A 268 -7.82 -10.77 -21.62
C LYS A 268 -8.17 -11.60 -22.88
N ASN A 269 -7.87 -11.09 -24.09
CA ASN A 269 -8.21 -11.81 -25.32
C ASN A 269 -7.14 -12.82 -25.77
N SER A 270 -5.97 -12.87 -25.12
CA SER A 270 -4.95 -13.84 -25.53
C SER A 270 -5.29 -15.23 -24.99
N PRO A 271 -5.18 -16.30 -25.80
CA PRO A 271 -5.49 -17.63 -25.27
C PRO A 271 -4.36 -18.20 -24.41
N SER A 272 -3.19 -17.55 -24.40
CA SER A 272 -2.02 -18.08 -23.68
C SER A 272 -1.87 -17.50 -22.31
N GLU A 274 -3.62 -15.10 -18.68
CA GLU A 274 -4.70 -14.67 -17.84
C GLU A 274 -4.37 -13.33 -17.24
N LEU A 275 -5.39 -12.49 -17.10
CA LEU A 275 -5.20 -11.21 -16.43
C LEU A 275 -5.38 -11.41 -14.94
N ILE A 276 -4.41 -10.98 -14.16
CA ILE A 276 -4.49 -11.04 -12.70
C ILE A 276 -4.77 -9.62 -12.25
N GLU A 277 -5.86 -9.42 -11.48
CA GLU A 277 -6.23 -8.13 -10.92
C GLU A 277 -6.62 -8.34 -9.47
N ASN A 278 -5.87 -7.72 -8.58
CA ASN A 278 -6.22 -7.93 -7.19
C ASN A 278 -6.66 -6.60 -6.54
N GLU A 279 -7.42 -6.70 -5.47
CA GLU A 279 -8.00 -5.56 -4.76
C GLU A 279 -6.96 -4.86 -3.92
N GLY A 280 -6.50 -3.70 -4.38
CA GLY A 280 -5.47 -2.91 -3.72
C GLY A 280 -5.91 -2.14 -2.48
N LEU A 281 -4.91 -1.63 -1.71
CA LEU A 281 -5.16 -0.81 -0.51
C LEU A 281 -5.25 0.66 -0.90
N GLY A 282 -4.46 1.03 -1.91
CA GLY A 282 -4.32 2.36 -2.48
C GLY A 282 -5.62 3.06 -2.85
N VAL A 283 -5.66 4.37 -2.62
CA VAL A 283 -6.84 5.15 -2.95
C VAL A 283 -6.41 6.29 -3.86
N GLU A 284 -7.22 6.57 -4.89
CA GLU A 284 -6.94 7.70 -5.75
C GLU A 284 -8.14 8.63 -5.66
N TYR A 285 -7.88 9.94 -5.53
CA TYR A 285 -8.96 10.91 -5.33
C TYR A 285 -8.64 12.30 -5.82
N ILE A 286 -9.69 13.14 -5.93
CA ILE A 286 -9.55 14.57 -6.17
C ILE A 286 -9.69 15.19 -4.80
N GLY A 287 -8.65 15.85 -4.32
CA GLY A 287 -8.72 16.49 -3.01
C GLY A 287 -8.87 17.99 -3.12
N PHE A 288 -9.28 18.62 -2.02
CA PHE A 288 -9.36 20.07 -1.98
C PHE A 288 -8.42 20.63 -0.96
N ASN A 289 -7.74 21.74 -1.29
CA ASN A 289 -7.02 22.48 -0.26
C ASN A 289 -8.12 23.30 0.43
N VAL A 290 -8.61 22.86 1.61
CA VAL A 290 -9.73 23.54 2.30
C VAL A 290 -9.37 24.98 2.77
N GLU A 291 -8.11 25.42 2.62
CA GLU A 291 -7.80 26.80 2.99
C GLU A 291 -7.62 27.68 1.75
N LYS A 292 -7.75 27.09 0.55
CA LYS A 292 -7.64 27.86 -0.68
C LYS A 292 -9.04 28.27 -1.12
N LYS A 293 -9.32 29.59 -1.13
CA LYS A 293 -10.62 30.13 -1.56
C LYS A 293 -10.92 29.72 -3.02
N PRO A 294 -12.18 29.33 -3.36
CA PRO A 294 -13.38 29.31 -2.49
C PRO A 294 -13.63 27.95 -1.81
N PHE A 295 -12.63 27.07 -1.72
CA PHE A 295 -12.79 25.71 -1.17
C PHE A 295 -12.82 25.64 0.35
N ASP A 296 -12.76 26.79 1.02
CA ASP A 296 -12.99 26.90 2.47
C ASP A 296 -14.50 26.90 2.73
N ASN A 297 -15.31 26.98 1.66
CA ASN A 297 -16.77 26.98 1.70
C ASN A 297 -17.23 25.53 1.45
N PRO A 298 -17.77 24.82 2.46
CA PRO A 298 -18.16 23.41 2.25
C PRO A 298 -19.20 23.21 1.16
N LEU A 299 -20.04 24.21 0.88
CA LEU A 299 -21.02 24.15 -0.21
C LEU A 299 -20.33 24.06 -1.57
N VAL A 300 -19.20 24.78 -1.75
CA VAL A 300 -18.41 24.73 -3.00
C VAL A 300 -17.82 23.33 -3.17
N ARG A 301 -17.24 22.76 -2.11
CA ARG A 301 -16.65 21.41 -2.17
C ARG A 301 -17.74 20.39 -2.50
N GLN A 302 -18.93 20.51 -1.86
CA GLN A 302 -20.07 19.64 -2.11
C GLN A 302 -20.58 19.77 -3.53
N ALA A 303 -20.62 21.01 -4.06
CA ALA A 303 -21.08 21.26 -5.46
C ALA A 303 -20.17 20.53 -6.43
N ILE A 304 -18.83 20.61 -6.21
CA ILE A 304 -17.86 19.97 -7.10
C ILE A 304 -17.97 18.46 -6.97
N ALA A 305 -18.21 17.92 -5.77
CA ALA A 305 -18.41 16.48 -5.58
C ALA A 305 -19.63 15.97 -6.36
N HIS A 306 -20.73 16.74 -6.42
CA HIS A 306 -21.93 16.36 -7.18
C HIS A 306 -21.69 16.45 -8.71
N ALA A 307 -20.67 17.21 -9.14
CA ALA A 307 -20.35 17.43 -10.56
C ALA A 307 -19.47 16.33 -11.16
N ILE A 308 -18.82 15.52 -10.32
CA ILE A 308 -17.91 14.48 -10.78
C ILE A 308 -18.60 13.10 -10.84
N GLU A 309 -18.41 12.42 -11.97
CA GLU A 309 -18.93 11.10 -12.26
C GLU A 309 -17.71 10.19 -12.46
N THR A 310 -17.54 9.18 -11.60
CA THR A 310 -16.35 8.33 -11.58
C THR A 310 -16.41 7.05 -12.42
N LYS A 311 -17.61 6.51 -12.77
CA LYS A 311 -17.71 5.32 -13.61
C LYS A 311 -17.13 5.59 -14.98
N GLY A 312 -17.40 6.78 -15.51
CA GLY A 312 -16.89 7.22 -16.80
C GLY A 312 -15.37 7.34 -16.83
N ILE A 313 -14.77 7.72 -15.69
CA ILE A 313 -13.31 7.82 -15.57
C ILE A 313 -12.71 6.42 -15.45
N LEU A 314 -13.30 5.60 -14.59
CA LEU A 314 -12.81 4.24 -14.38
C LEU A 314 -12.82 3.46 -15.68
N LYS A 315 -13.88 3.60 -16.49
CA LYS A 315 -14.01 2.89 -17.75
C LYS A 315 -13.19 3.54 -18.88
N GLY A 316 -13.41 4.83 -19.12
CA GLY A 316 -12.81 5.57 -20.23
C GLY A 316 -11.32 5.86 -20.13
N VAL A 317 -10.81 6.07 -18.91
CA VAL A 317 -9.42 6.42 -18.68
C VAL A 317 -8.63 5.16 -18.22
N TYR A 318 -9.15 4.41 -17.26
CA TYR A 318 -8.42 3.29 -16.70
C TYR A 318 -8.80 1.92 -17.25
N ASN A 319 -9.74 1.84 -18.23
CA ASN A 319 -10.18 0.56 -18.82
C ASN A 319 -10.67 -0.41 -17.73
N ASN A 320 -11.37 0.16 -16.72
CA ASN A 320 -11.94 -0.57 -15.58
C ASN A 320 -10.90 -1.24 -14.67
N VAL A 321 -9.62 -0.77 -14.70
CA VAL A 321 -8.60 -1.26 -13.78
C VAL A 321 -8.73 -0.42 -12.51
N GLY A 322 -9.32 -1.02 -11.49
CA GLY A 322 -9.59 -0.35 -10.24
C GLY A 322 -10.98 -0.64 -9.72
N THR A 323 -11.24 -0.18 -8.51
CA THR A 323 -12.49 -0.41 -7.79
C THR A 323 -13.23 0.91 -7.59
N GLU A 324 -14.54 0.91 -7.83
CA GLU A 324 -15.37 2.08 -7.54
C GLU A 324 -15.53 2.15 -6.01
N ILE A 325 -15.26 3.32 -5.42
CA ILE A 325 -15.32 3.53 -3.96
C ILE A 325 -15.91 4.88 -3.63
N ASN A 326 -16.50 5.00 -2.45
CA ASN A 326 -17.07 6.24 -1.97
C ASN A 326 -16.45 6.72 -0.69
N SER A 327 -15.39 6.05 -0.22
CA SER A 327 -14.69 6.48 0.99
C SER A 327 -13.22 6.75 0.69
N VAL A 328 -12.47 7.23 1.70
CA VAL A 328 -11.05 7.53 1.62
C VAL A 328 -10.23 6.24 1.88
N THR A 330 -10.15 1.80 1.18
CA THR A 330 -10.60 0.71 0.34
C THR A 330 -11.20 -0.39 1.24
N PRO A 331 -12.06 -1.30 0.72
CA PRO A 331 -12.63 -2.37 1.58
C PRO A 331 -11.61 -3.27 2.34
N LYS A 332 -10.32 -3.31 1.92
CA LYS A 332 -9.27 -4.13 2.55
C LYS A 332 -8.54 -3.39 3.72
N VAL A 333 -8.87 -2.11 3.98
CA VAL A 333 -8.23 -1.36 5.05
C VAL A 333 -9.08 -1.55 6.30
N PHE A 334 -8.44 -1.87 7.45
CA PHE A 334 -9.16 -2.02 8.71
C PHE A 334 -9.82 -0.68 9.07
N GLY A 335 -11.12 -0.73 9.34
CA GLY A 335 -11.89 0.45 9.72
C GLY A 335 -12.82 0.94 8.64
N TYR A 336 -12.70 0.37 7.42
CA TYR A 336 -13.53 0.71 6.26
C TYR A 336 -15.01 0.57 6.58
N THR A 337 -15.84 1.44 5.98
CA THR A 337 -17.29 1.40 6.14
C THR A 337 -17.95 1.60 4.77
N LYS A 338 -19.01 0.81 4.51
CA LYS A 338 -19.81 0.86 3.28
C LYS A 338 -21.06 1.77 3.51
N ASP A 339 -21.13 2.46 4.68
CA ASP A 339 -22.22 3.35 5.07
C ASP A 339 -21.68 4.80 5.22
N VAL A 340 -21.14 5.36 4.12
CA VAL A 340 -20.58 6.71 4.14
C VAL A 340 -21.31 7.62 3.11
N LYS A 341 -21.41 8.93 3.44
CA LYS A 341 -22.06 9.92 2.57
C LYS A 341 -21.29 10.08 1.25
N GLY A 342 -21.97 9.71 0.19
CA GLY A 342 -21.48 9.84 -1.18
C GLY A 342 -22.30 10.93 -1.82
N TYR A 343 -21.68 11.74 -2.68
CA TYR A 343 -22.41 12.81 -3.34
C TYR A 343 -22.81 12.35 -4.72
N LYS A 344 -24.08 11.99 -4.88
CA LYS A 344 -24.61 11.49 -6.14
C LYS A 344 -24.26 12.45 -7.28
N TYR A 345 -23.83 11.88 -8.41
CA TYR A 345 -23.58 12.68 -9.60
C TYR A 345 -24.90 13.32 -9.98
N ASP A 346 -24.96 14.65 -9.87
CA ASP A 346 -26.17 15.41 -10.14
C ASP A 346 -25.78 16.85 -10.43
N ILE A 347 -25.68 17.16 -11.71
CA ILE A 347 -25.28 18.45 -12.25
C ILE A 347 -26.24 19.54 -11.80
N ASN A 348 -27.55 19.22 -11.72
CA ASN A 348 -28.57 20.19 -11.26
C ASN A 348 -28.30 20.60 -9.79
N THR A 349 -28.01 19.61 -8.91
CA THR A 349 -27.69 19.87 -7.51
C THR A 349 -26.38 20.65 -7.43
N ALA A 350 -25.37 20.27 -8.24
CA ALA A 350 -24.08 20.95 -8.26
C ALA A 350 -24.23 22.45 -8.57
N LYS A 351 -24.98 22.79 -9.64
CA LYS A 351 -25.24 24.16 -10.08
C LYS A 351 -25.98 24.97 -9.01
N LYS A 352 -27.02 24.37 -8.40
CA LYS A 352 -27.82 24.99 -7.34
C LYS A 352 -26.94 25.30 -6.09
N LEU A 353 -26.09 24.34 -5.68
CA LEU A 353 -25.18 24.52 -4.52
C LEU A 353 -24.13 25.61 -4.78
N LEU A 354 -23.59 25.69 -6.02
CA LEU A 354 -22.63 26.74 -6.39
C LEU A 354 -23.29 28.11 -6.34
N ALA A 355 -24.54 28.23 -6.86
CA ALA A 355 -25.33 29.49 -6.81
C ALA A 355 -25.57 29.88 -5.35
N ASP A 356 -26.00 28.91 -4.50
CA ASP A 356 -26.22 29.12 -3.06
C ASP A 356 -24.95 29.64 -2.38
N ALA A 357 -23.79 29.06 -2.76
CA ALA A 357 -22.47 29.40 -2.23
C ALA A 357 -22.05 30.84 -2.57
N GLY A 358 -22.72 31.47 -3.53
CA GLY A 358 -22.42 32.82 -3.98
C GLY A 358 -21.72 32.83 -5.32
N TYR A 359 -21.79 31.70 -6.09
CA TYR A 359 -21.13 31.59 -7.39
C TYR A 359 -22.15 31.18 -8.49
N PRO A 360 -23.16 32.03 -8.81
CA PRO A 360 -24.15 31.65 -9.85
C PRO A 360 -23.55 31.55 -11.25
N ASN A 361 -22.37 32.19 -11.49
CA ASN A 361 -21.69 32.11 -12.79
C ASN A 361 -20.41 31.30 -12.69
N GLY A 362 -20.28 30.51 -11.64
CA GLY A 362 -19.09 29.69 -11.42
C GLY A 362 -17.92 30.55 -10.98
N PHE A 363 -16.70 30.04 -11.19
CA PHE A 363 -15.45 30.71 -10.83
C PHE A 363 -14.29 30.03 -11.56
N LYS A 364 -13.10 30.60 -11.46
CA LYS A 364 -11.90 30.03 -12.09
C LYS A 364 -11.00 29.47 -10.99
N THR A 365 -10.42 28.28 -11.22
CA THR A 365 -9.54 27.64 -10.24
C THR A 365 -8.49 26.76 -10.94
N THR A 366 -7.72 25.98 -10.16
CA THR A 366 -6.69 25.10 -10.69
C THR A 366 -6.83 23.71 -10.12
N ILE A 367 -6.32 22.73 -10.85
CA ILE A 367 -6.18 21.35 -10.39
C ILE A 367 -4.70 21.03 -10.62
N TRP A 368 -4.04 20.58 -9.55
CA TRP A 368 -2.61 20.26 -9.57
C TRP A 368 -2.40 18.77 -9.59
N THR A 369 -1.45 18.31 -10.44
CA THR A 369 -1.14 16.89 -10.56
C THR A 369 0.32 16.72 -10.99
N ASN A 370 0.86 15.53 -10.75
CA ASN A 370 2.18 15.15 -11.23
C ASN A 370 2.01 14.73 -12.68
N ASP A 371 3.07 14.76 -13.47
CA ASP A 371 2.96 14.41 -14.85
C ASP A 371 2.95 12.89 -15.05
N SER A 372 1.86 12.41 -15.63
CA SER A 372 1.57 11.02 -16.00
C SER A 372 0.53 11.06 -17.11
N LYS A 373 0.67 10.16 -18.11
CA LYS A 373 -0.24 10.07 -19.27
C LYS A 373 -1.67 9.81 -18.79
N VAL A 374 -1.82 8.85 -17.87
CA VAL A 374 -3.13 8.46 -17.35
C VAL A 374 -3.68 9.56 -16.42
N ARG A 375 -2.80 10.25 -15.66
CA ARG A 375 -3.30 11.33 -14.79
C ARG A 375 -3.72 12.55 -15.62
N ALA A 377 -5.16 12.33 -18.66
CA ALA A 377 -6.49 11.98 -19.16
C ALA A 377 -7.54 12.15 -18.05
N LEU A 378 -7.18 11.79 -16.79
CA LEU A 378 -8.03 11.94 -15.62
C LEU A 378 -8.37 13.41 -15.38
N VAL A 379 -7.36 14.30 -15.27
CA VAL A 379 -7.66 15.72 -14.98
C VAL A 379 -8.46 16.38 -16.14
N GLU A 380 -8.28 15.93 -17.39
N GLU A 380 -8.27 15.90 -17.40
CA GLU A 380 -9.04 16.47 -18.52
CA GLU A 380 -9.02 16.37 -18.56
C GLU A 380 -10.54 16.13 -18.38
C GLU A 380 -10.52 16.12 -18.36
N VAL A 381 -10.88 14.90 -17.89
CA VAL A 381 -12.27 14.49 -17.65
C VAL A 381 -12.85 15.35 -16.52
N ILE A 382 -12.09 15.55 -15.44
CA ILE A 382 -12.50 16.39 -14.31
C ILE A 382 -12.74 17.82 -14.79
N GLN A 383 -11.78 18.37 -15.58
CA GLN A 383 -11.87 19.71 -16.11
C GLN A 383 -13.17 19.85 -16.95
N SER A 384 -13.51 18.81 -17.73
CA SER A 384 -14.70 18.81 -18.59
C SER A 384 -15.99 18.77 -17.76
N GLN A 385 -16.02 17.91 -16.74
CA GLN A 385 -17.21 17.81 -15.88
C GLN A 385 -17.42 19.09 -15.07
N LEU A 386 -16.32 19.76 -14.63
CA LEU A 386 -16.46 20.99 -13.84
C LEU A 386 -16.85 22.17 -14.73
N LYS A 387 -16.48 22.12 -16.02
CA LYS A 387 -16.90 23.17 -16.95
C LYS A 387 -18.42 23.16 -17.10
N GLY A 388 -19.02 21.98 -17.03
CA GLY A 388 -20.47 21.76 -17.10
C GLY A 388 -21.26 22.45 -16.01
N ILE A 389 -20.61 22.82 -14.89
CA ILE A 389 -21.27 23.57 -13.80
C ILE A 389 -20.71 25.02 -13.74
N GLY A 390 -19.99 25.45 -14.77
CA GLY A 390 -19.44 26.79 -14.85
C GLY A 390 -18.13 27.02 -14.12
N VAL A 391 -17.41 25.93 -13.73
CA VAL A 391 -16.12 26.06 -13.04
C VAL A 391 -14.99 25.90 -14.09
N ASP A 392 -14.24 26.98 -14.33
CA ASP A 392 -13.12 26.98 -15.30
C ASP A 392 -11.89 26.50 -14.58
N VAL A 393 -11.47 25.29 -14.90
CA VAL A 393 -10.33 24.67 -14.25
C VAL A 393 -9.08 24.75 -15.13
N GLU A 394 -8.02 25.36 -14.61
CA GLU A 394 -6.74 25.39 -15.29
C GLU A 394 -5.91 24.19 -14.73
N ILE A 395 -5.34 23.38 -15.62
CA ILE A 395 -4.53 22.24 -15.19
C ILE A 395 -3.10 22.71 -14.93
N LYS A 396 -2.58 22.38 -13.73
CA LYS A 396 -1.21 22.69 -13.35
C LYS A 396 -0.49 21.37 -13.18
N VAL A 397 0.38 21.06 -14.13
CA VAL A 397 1.07 19.79 -14.19
C VAL A 397 2.58 20.05 -14.13
N GLU A 399 6.57 17.74 -12.65
CA GLU A 399 7.12 16.46 -12.20
C GLU A 399 6.88 16.30 -10.68
N TYR A 400 6.89 15.05 -10.20
CA TYR A 400 6.55 14.64 -8.84
C TYR A 400 7.19 15.52 -7.72
N GLY A 401 8.50 15.77 -7.79
CA GLY A 401 9.22 16.56 -6.80
C GLY A 401 8.68 17.96 -6.64
N ALA A 402 8.46 18.65 -7.79
CA ALA A 402 7.91 20.01 -7.82
C ALA A 402 6.46 20.05 -7.33
N PHE A 403 5.68 19.00 -7.66
CA PHE A 403 4.29 18.85 -7.24
C PHE A 403 4.21 18.72 -5.70
N LEU A 404 5.08 17.88 -5.10
CA LEU A 404 5.12 17.72 -3.64
C LEU A 404 5.55 19.02 -2.98
N ALA A 405 6.58 19.71 -3.52
CA ALA A 405 7.04 20.97 -2.94
C ALA A 405 5.92 22.03 -2.99
N ALA A 406 5.18 22.14 -4.13
CA ALA A 406 4.08 23.11 -4.26
C ALA A 406 2.92 22.79 -3.32
N THR A 407 2.54 21.49 -3.16
CA THR A 407 1.42 21.14 -2.27
C THR A 407 1.82 21.38 -0.81
N ASN A 408 3.11 21.21 -0.50
CA ASN A 408 3.67 21.45 0.83
C ASN A 408 3.62 22.93 1.24
N LYS A 409 3.75 23.84 0.25
CA LYS A 409 3.68 25.30 0.44
C LYS A 409 2.21 25.81 0.34
N SER A 410 1.21 24.91 0.20
CA SER A 410 -0.24 25.25 0.09
C SER A 410 -0.51 26.12 -1.18
N GLU A 411 0.21 25.86 -2.30
CA GLU A 411 0.02 26.62 -3.52
C GLU A 411 -1.20 26.18 -4.33
N HIS A 412 -1.64 24.93 -4.11
CA HIS A 412 -2.71 24.29 -4.86
C HIS A 412 -4.13 24.56 -4.32
N ALA A 413 -5.13 24.42 -5.20
CA ALA A 413 -6.55 24.52 -4.86
C ALA A 413 -7.08 23.07 -4.89
N PHE A 415 -6.37 19.13 -6.16
CA PHE A 415 -5.20 18.32 -6.49
C PHE A 415 -5.63 16.88 -6.73
N VAL A 416 -4.78 16.12 -7.45
CA VAL A 416 -4.95 14.69 -7.61
C VAL A 416 -4.12 14.07 -6.51
N GLY A 417 -4.78 13.34 -5.65
CA GLY A 417 -4.10 12.67 -4.56
C GLY A 417 -4.13 11.17 -4.69
N GLY A 418 -3.23 10.55 -3.96
CA GLY A 418 -3.07 9.10 -3.86
C GLY A 418 -2.46 8.75 -2.52
N TRP A 419 -2.94 7.67 -1.91
CA TRP A 419 -2.41 7.18 -0.65
C TRP A 419 -2.39 5.68 -0.72
N GLY A 420 -1.21 5.10 -0.52
CA GLY A 420 -0.98 3.65 -0.60
C GLY A 420 -1.68 2.81 0.45
N ASN A 421 -2.00 3.38 1.65
CA ASN A 421 -2.62 2.67 2.80
C ASN A 421 -1.91 1.31 3.06
N ALA A 422 -0.57 1.30 2.88
CA ALA A 422 0.33 0.15 2.90
C ALA A 422 0.13 -0.83 4.05
N THR A 423 -0.12 -0.34 5.26
CA THR A 423 -0.21 -1.20 6.45
C THR A 423 -1.55 -1.95 6.54
N GLY A 424 -2.55 -1.51 5.77
CA GLY A 424 -3.89 -2.09 5.79
C GLY A 424 -4.68 -1.72 7.04
N ASP A 425 -4.21 -0.69 7.78
CA ASP A 425 -4.84 -0.21 9.01
C ASP A 425 -5.25 1.25 8.86
N GLY A 426 -6.45 1.57 9.34
CA GLY A 426 -7.03 2.90 9.32
C GLY A 426 -6.15 4.00 9.85
N ASP A 427 -5.30 3.71 10.88
CA ASP A 427 -4.39 4.71 11.48
C ASP A 427 -3.42 5.34 10.46
N TYR A 428 -2.81 4.53 9.60
CA TYR A 428 -1.84 4.98 8.61
C TYR A 428 -2.55 5.83 7.57
N ASN A 429 -3.79 5.48 7.23
CA ASN A 429 -4.63 6.26 6.34
C ASN A 429 -5.00 7.63 7.01
N GLN A 430 -5.59 7.57 8.22
CA GLN A 430 -6.13 8.74 8.93
C GLN A 430 -5.06 9.70 9.46
N TYR A 431 -4.02 9.21 10.17
CA TYR A 431 -3.00 10.10 10.71
C TYR A 431 -2.30 10.94 9.63
N ASN A 432 -1.88 10.31 8.54
CA ASN A 432 -1.12 11.00 7.51
C ASN A 432 -1.96 11.89 6.62
N LEU A 433 -3.22 11.52 6.36
CA LEU A 433 -4.06 12.33 5.47
C LEU A 433 -4.87 13.41 6.15
N PHE A 434 -5.38 13.19 7.37
CA PHE A 434 -6.34 14.14 7.97
C PHE A 434 -5.93 14.78 9.30
N HIS A 435 -4.95 14.22 10.01
CA HIS A 435 -4.52 14.84 11.29
C HIS A 435 -3.84 16.18 11.00
N SER A 436 -4.09 17.20 11.85
CA SER A 436 -3.57 18.55 11.64
C SER A 436 -2.03 18.66 11.65
N SER A 437 -1.33 17.75 12.35
CA SER A 437 0.14 17.77 12.39
C SER A 437 0.76 17.25 11.07
N SER A 438 -0.05 16.69 10.13
CA SER A 438 0.45 16.15 8.85
C SER A 438 0.28 17.09 7.65
N HIS A 439 0.04 18.40 7.88
CA HIS A 439 -0.16 19.38 6.78
C HIS A 439 1.00 19.39 5.77
N GLY A 440 0.67 19.35 4.48
CA GLY A 440 1.64 19.37 3.39
C GLY A 440 1.93 18.02 2.78
N ALA A 441 3.17 17.84 2.29
CA ALA A 441 3.68 16.63 1.62
C ALA A 441 3.61 15.34 2.49
N THR A 442 3.42 15.46 3.82
CA THR A 442 3.28 14.32 4.74
C THR A 442 2.02 13.47 4.37
N GLY A 443 0.97 14.15 3.89
CA GLY A 443 -0.25 13.50 3.41
C GLY A 443 -1.45 14.41 3.48
N ASN A 444 -1.47 15.32 4.48
CA ASN A 444 -2.58 16.23 4.65
C ASN A 444 -2.42 17.44 3.72
N GLN A 445 -2.58 17.20 2.43
CA GLN A 445 -2.53 18.20 1.38
C GLN A 445 -3.86 18.96 1.34
N PHE A 446 -4.81 18.54 2.19
CA PHE A 446 -6.08 19.25 2.33
C PHE A 446 -5.87 20.45 3.22
N PHE A 447 -4.78 20.45 4.05
CA PHE A 447 -4.54 21.50 5.05
C PHE A 447 -5.76 21.56 5.99
N TYR A 448 -6.32 20.38 6.25
CA TYR A 448 -7.46 20.19 7.14
C TYR A 448 -7.00 20.15 8.59
N SER A 449 -7.71 20.86 9.48
CA SER A 449 -7.41 20.85 10.91
C SER A 449 -8.67 21.01 11.70
N ASN A 450 -9.25 19.86 12.04
CA ASN A 450 -10.47 19.75 12.80
C ASN A 450 -10.10 19.08 14.12
N PRO A 451 -10.17 19.81 15.27
CA PRO A 451 -9.79 19.20 16.56
C PRO A 451 -10.52 17.90 16.87
N GLU A 452 -11.81 17.77 16.46
CA GLU A 452 -12.59 16.55 16.69
C GLU A 452 -12.00 15.37 15.91
N VAL A 453 -11.52 15.61 14.68
CA VAL A 453 -10.88 14.58 13.85
C VAL A 453 -9.54 14.20 14.48
N ASP A 454 -8.73 15.19 14.89
CA ASP A 454 -7.45 14.92 15.56
C ASP A 454 -7.65 14.03 16.78
N LYS A 455 -8.68 14.33 17.60
CA LYS A 455 -8.96 13.57 18.83
C LYS A 455 -9.40 12.15 18.52
N LEU A 456 -10.31 11.96 17.55
CA LEU A 456 -10.78 10.64 17.17
C LEU A 456 -9.66 9.77 16.61
N ILE A 457 -8.70 10.39 15.87
CA ILE A 457 -7.53 9.70 15.30
C ILE A 457 -6.62 9.20 16.44
N GLU A 458 -6.26 10.10 17.37
CA GLU A 458 -5.40 9.77 18.52
C GLU A 458 -6.07 8.71 19.39
N GLU A 459 -7.42 8.82 19.58
CA GLU A 459 -8.22 7.86 20.34
C GLU A 459 -8.18 6.47 19.66
N ALA A 460 -8.48 6.40 18.36
CA ALA A 460 -8.48 5.15 17.55
C ALA A 460 -7.12 4.43 17.58
N ARG A 461 -6.02 5.20 17.56
CA ARG A 461 -4.66 4.66 17.57
C ARG A 461 -4.36 3.96 18.90
N LYS A 462 -5.01 4.39 19.99
CA LYS A 462 -4.78 3.89 21.35
C LYS A 462 -5.88 2.94 21.89
N GLU A 463 -6.96 2.73 21.13
CA GLU A 463 -8.09 1.89 21.56
C GLU A 463 -7.75 0.40 21.39
N LYS A 464 -7.95 -0.42 22.43
CA LYS A 464 -7.66 -1.87 22.39
C LYS A 464 -8.78 -2.70 21.75
N ASP A 465 -10.06 -2.30 21.94
CA ASP A 465 -11.18 -3.06 21.38
C ASP A 465 -11.32 -2.75 19.90
N GLU A 466 -11.20 -3.80 19.05
CA GLU A 466 -11.27 -3.65 17.60
C GLU A 466 -12.65 -3.12 17.14
N THR A 467 -13.74 -3.52 17.83
CA THR A 467 -15.10 -3.07 17.53
C THR A 467 -15.19 -1.55 17.79
N LYS A 468 -14.60 -1.05 18.89
CA LYS A 468 -14.61 0.38 19.20
C LYS A 468 -13.71 1.12 18.19
N ARG A 469 -12.54 0.52 17.82
CA ARG A 469 -11.64 1.09 16.81
C ARG A 469 -12.37 1.30 15.50
N LYS A 470 -13.11 0.26 15.05
CA LYS A 470 -13.90 0.28 13.81
C LYS A 470 -14.93 1.41 13.85
N GLU A 471 -15.63 1.59 15.00
CA GLU A 471 -16.64 2.64 15.14
C GLU A 471 -15.99 4.01 15.00
N LEU A 472 -14.80 4.20 15.57
CA LEU A 472 -14.06 5.46 15.51
C LEU A 472 -13.62 5.78 14.06
N TYR A 473 -13.16 4.78 13.29
CA TYR A 473 -12.79 5.01 11.89
C TYR A 473 -14.04 5.27 11.02
N LYS A 474 -15.20 4.65 11.36
CA LYS A 474 -16.47 4.88 10.63
C LYS A 474 -16.91 6.35 10.84
N GLN A 475 -16.78 6.85 12.08
CA GLN A 475 -17.11 8.23 12.45
C GLN A 475 -16.22 9.19 11.69
N LEU A 476 -14.91 8.86 11.62
CA LEU A 476 -13.93 9.70 10.93
C LEU A 476 -14.26 9.83 9.45
N GLN A 477 -14.61 8.70 8.80
CA GLN A 477 -14.95 8.67 7.38
C GLN A 477 -16.25 9.48 7.15
N GLU A 478 -17.21 9.39 8.10
CA GLU A 478 -18.45 10.16 8.03
C GLU A 478 -18.13 11.65 8.02
N ILE A 479 -17.30 12.13 8.98
CA ILE A 479 -16.93 13.56 9.07
C ILE A 479 -16.22 14.03 7.77
N GLU A 480 -15.23 13.27 7.33
CA GLU A 480 -14.42 13.65 6.16
C GLU A 480 -15.23 13.68 4.88
N LEU A 481 -16.14 12.71 4.68
CA LEU A 481 -16.96 12.68 3.46
C LEU A 481 -18.10 13.68 3.56
N LYS A 482 -18.63 13.92 4.76
CA LYS A 482 -19.68 14.94 4.94
C LYS A 482 -19.05 16.33 4.69
N ASP A 483 -17.78 16.53 5.09
CA ASP A 483 -17.06 17.78 4.89
C ASP A 483 -16.58 17.91 3.43
N ALA A 484 -16.79 16.86 2.62
CA ALA A 484 -16.40 16.76 1.22
C ALA A 484 -14.94 17.24 1.02
N LEU A 485 -14.01 16.64 1.76
CA LEU A 485 -12.58 17.02 1.67
C LEU A 485 -11.98 16.48 0.38
N LEU A 486 -12.59 15.43 -0.14
CA LEU A 486 -12.13 14.77 -1.35
C LEU A 486 -13.27 14.06 -2.07
N VAL A 487 -13.01 13.71 -3.32
CA VAL A 487 -13.90 12.99 -4.19
C VAL A 487 -13.16 11.72 -4.58
N PRO A 488 -13.52 10.55 -4.00
CA PRO A 488 -12.83 9.30 -4.36
C PRO A 488 -13.00 8.96 -5.84
N ILE A 489 -11.89 8.65 -6.53
CA ILE A 489 -11.91 8.30 -7.96
C ILE A 489 -11.95 6.78 -8.07
N ARG A 490 -11.03 6.08 -7.38
CA ARG A 490 -10.95 4.60 -7.40
C ARG A 490 -10.03 4.04 -6.33
N GLY A 491 -10.26 2.77 -6.04
CA GLY A 491 -9.41 1.95 -5.22
C GLY A 491 -8.38 1.47 -6.23
N ILE A 492 -7.08 1.68 -5.95
CA ILE A 492 -6.03 1.31 -6.91
C ILE A 492 -5.83 -0.22 -6.91
N ASN A 493 -6.14 -0.87 -8.06
CA ASN A 493 -5.96 -2.30 -8.26
C ASN A 493 -4.69 -2.58 -9.01
N HIS A 494 -4.01 -3.66 -8.61
CA HIS A 494 -2.75 -4.10 -9.19
C HIS A 494 -3.02 -5.12 -10.26
N ILE A 495 -2.42 -4.94 -11.44
CA ILE A 495 -2.62 -5.88 -12.55
C ILE A 495 -1.30 -6.53 -13.01
N ALA A 496 -1.40 -7.81 -13.43
CA ALA A 496 -0.29 -8.58 -14.00
C ALA A 496 -0.85 -9.60 -14.99
N ALA A 497 0.01 -10.11 -15.85
CA ALA A 497 -0.40 -11.15 -16.80
C ALA A 497 0.37 -12.40 -16.43
N THR A 498 -0.26 -13.56 -16.51
CA THR A 498 0.48 -14.79 -16.23
C THR A 498 0.16 -15.81 -17.28
N THR A 499 1.04 -16.79 -17.48
CA THR A 499 0.74 -17.93 -18.34
C THR A 499 -0.46 -18.68 -17.74
N LYS A 500 -1.22 -19.40 -18.56
CA LYS A 500 -2.34 -20.20 -18.05
C LYS A 500 -1.78 -21.43 -17.32
N ASN A 501 -0.49 -21.77 -17.58
CA ASN A 501 0.27 -22.87 -16.98
C ASN A 501 0.74 -22.63 -15.51
N ILE A 502 0.24 -21.57 -14.86
N ILE A 502 0.27 -21.58 -14.86
CA ILE A 502 0.57 -21.22 -13.47
CA ILE A 502 0.63 -21.31 -13.47
C ILE A 502 -0.68 -21.39 -12.59
C ILE A 502 -0.63 -21.37 -12.59
N LYS A 503 -0.48 -21.91 -11.38
CA LYS A 503 -1.56 -22.08 -10.40
C LYS A 503 -1.10 -21.44 -9.08
N GLY A 504 -2.02 -20.81 -8.37
CA GLY A 504 -1.78 -20.24 -7.05
C GLY A 504 -1.14 -18.87 -6.95
N PHE A 505 -0.85 -18.20 -8.07
CA PHE A 505 -0.25 -16.86 -8.05
C PHE A 505 -1.31 -15.79 -7.77
N TRP A 506 -0.92 -14.75 -7.03
CA TRP A 506 -1.77 -13.60 -6.74
C TRP A 506 -0.90 -12.45 -6.28
N ILE A 507 -1.48 -11.27 -6.28
CA ILE A 507 -0.85 -10.06 -5.81
C ILE A 507 -1.63 -9.66 -4.58
N ASP A 508 -0.96 -9.39 -3.47
CA ASP A 508 -1.69 -9.04 -2.25
C ASP A 508 -2.20 -7.56 -2.30
N PRO A 509 -3.04 -7.10 -1.33
CA PRO A 509 -3.56 -5.71 -1.40
C PRO A 509 -2.47 -4.61 -1.39
N SER A 510 -1.27 -4.90 -0.86
CA SER A 510 -0.12 -3.97 -0.83
C SER A 510 0.57 -3.84 -2.20
N GLY A 511 0.27 -4.73 -3.16
CA GLY A 511 0.91 -4.73 -4.45
C GLY A 511 2.08 -5.70 -4.54
N TYR A 512 2.31 -6.50 -3.48
CA TYR A 512 3.40 -7.48 -3.46
C TYR A 512 3.01 -8.75 -4.18
N LEU A 513 3.90 -9.26 -5.05
CA LEU A 513 3.75 -10.56 -5.70
C LEU A 513 3.74 -11.63 -4.64
N ARG A 514 2.83 -12.58 -4.73
CA ARG A 514 2.75 -13.64 -3.73
C ARG A 514 2.94 -14.96 -4.42
N LEU A 515 3.97 -15.72 -3.99
CA LEU A 515 4.36 -16.99 -4.58
C LEU A 515 4.04 -18.19 -3.71
N GLU A 516 3.46 -17.97 -2.51
CA GLU A 516 3.06 -19.08 -1.63
C GLU A 516 2.04 -19.97 -2.32
N GLY A 517 2.38 -21.23 -2.45
CA GLY A 517 1.51 -22.23 -3.06
C GLY A 517 1.51 -22.22 -4.58
N VAL A 518 2.43 -21.46 -5.20
CA VAL A 518 2.54 -21.41 -6.66
C VAL A 518 3.08 -22.74 -7.21
N GLU A 519 2.48 -23.18 -8.32
CA GLU A 519 2.85 -24.39 -9.06
C GLU A 519 2.97 -24.05 -10.50
N LEU A 520 3.97 -24.63 -11.16
CA LEU A 520 4.20 -24.52 -12.59
C LEU A 520 3.69 -25.82 -13.20
N GLN A 521 2.64 -25.76 -14.03
CA GLN A 521 2.00 -26.94 -14.62
C GLN A 521 2.62 -27.31 -15.96
#